data_8HVS
#
_entry.id   8HVS
#
_entity_poly.entity_id   1
_entity_poly.type   'polypeptide(L)'
_entity_poly.pdbx_seq_one_letter_code
;RFLRRIFFFF
;
_entity_poly.pdbx_strand_id   A
#
# COMPACT_ATOMS: atom_id res chain seq x y z
N ARG A 1 0.93 -3.25 7.01
CA ARG A 1 0.80 -4.71 7.00
C ARG A 1 1.30 -5.30 5.69
N PHE A 2 0.69 -4.86 4.58
CA PHE A 2 1.07 -5.35 3.27
C PHE A 2 1.60 -4.21 2.40
N LEU A 3 2.56 -4.54 1.53
CA LEU A 3 3.16 -3.54 0.64
C LEU A 3 2.12 -2.99 -0.33
N ARG A 4 1.04 -3.75 -0.54
CA ARG A 4 -0.01 -3.34 -1.45
C ARG A 4 -0.69 -2.07 -0.94
N ARG A 5 -0.47 -1.74 0.33
CA ARG A 5 -1.06 -0.55 0.93
C ARG A 5 -0.17 0.67 0.71
N ILE A 6 1.09 0.54 1.10
CA ILE A 6 2.05 1.64 0.95
C ILE A 6 2.28 1.97 -0.51
N PHE A 7 1.83 1.08 -1.40
CA PHE A 7 1.98 1.29 -2.83
C PHE A 7 0.80 2.06 -3.40
N PHE A 8 -0.39 1.77 -2.89
CA PHE A 8 -1.61 2.43 -3.35
C PHE A 8 -1.87 3.70 -2.54
N PHE A 9 -1.14 3.87 -1.44
CA PHE A 9 -1.28 5.04 -0.59
C PHE A 9 -1.17 6.32 -1.40
N PHE A 10 -0.13 6.41 -2.22
CA PHE A 10 0.09 7.58 -3.07
C PHE A 10 1.30 7.38 -3.97
N ARG A 1 3.00 -5.85 5.82
CA ARG A 1 1.57 -5.95 6.07
C ARG A 1 0.79 -5.01 5.16
N PHE A 2 0.04 -5.60 4.21
CA PHE A 2 -0.75 -4.82 3.28
C PHE A 2 0.12 -3.79 2.55
N LEU A 3 1.16 -4.28 1.88
CA LEU A 3 2.07 -3.41 1.14
C LEU A 3 1.33 -2.69 0.00
N ARG A 4 0.28 -3.31 -0.49
CA ARG A 4 -0.51 -2.74 -1.57
C ARG A 4 -1.06 -1.37 -1.19
N ARG A 5 -1.42 -1.22 0.08
CA ARG A 5 -1.95 0.04 0.58
C ARG A 5 -0.92 1.16 0.46
N ILE A 6 0.23 0.96 1.10
CA ILE A 6 1.30 1.95 1.06
C ILE A 6 1.82 2.15 -0.36
N PHE A 7 1.44 1.24 -1.25
CA PHE A 7 1.86 1.31 -2.64
C PHE A 7 0.94 2.22 -3.45
N PHE A 8 -0.36 1.92 -3.41
CA PHE A 8 -1.35 2.70 -4.14
C PHE A 8 -1.56 4.06 -3.46
N PHE A 9 -1.07 4.18 -2.23
CA PHE A 9 -1.21 5.43 -1.48
C PHE A 9 -0.73 6.62 -2.29
N PHE A 10 0.46 6.48 -2.87
CA PHE A 10 1.04 7.55 -3.67
C PHE A 10 2.36 7.10 -4.30
N ARG A 1 -3.04 -6.71 5.01
CA ARG A 1 -2.08 -6.09 4.08
C ARG A 1 -1.43 -4.87 4.71
N PHE A 2 -0.17 -4.63 4.38
CA PHE A 2 0.57 -3.49 4.91
C PHE A 2 1.36 -2.80 3.81
N LEU A 3 2.18 -3.58 3.11
CA LEU A 3 2.99 -3.04 2.02
C LEU A 3 2.13 -2.61 0.84
N ARG A 4 1.05 -3.34 0.60
CA ARG A 4 0.14 -3.03 -0.49
C ARG A 4 -0.60 -1.72 -0.23
N ARG A 5 -0.77 -1.39 1.05
CA ARG A 5 -1.46 -0.17 1.43
C ARG A 5 -0.63 1.06 1.08
N ILE A 6 0.57 1.13 1.64
CA ILE A 6 1.47 2.25 1.39
C ILE A 6 1.86 2.34 -0.08
N PHE A 7 1.58 1.26 -0.82
CA PHE A 7 1.89 1.21 -2.25
C PHE A 7 0.79 1.87 -3.06
N PHE A 8 -0.44 1.39 -2.88
CA PHE A 8 -1.59 1.93 -3.62
C PHE A 8 -1.96 3.31 -3.09
N PHE A 9 -1.42 3.67 -1.93
CA PHE A 9 -1.71 4.95 -1.32
C PHE A 9 -1.46 6.09 -2.30
N PHE A 10 -0.30 6.06 -2.95
CA PHE A 10 0.07 7.09 -3.92
C PHE A 10 1.39 6.75 -4.60
N ARG A 1 -2.16 -5.05 7.43
CA ARG A 1 -1.15 -4.46 6.58
C ARG A 1 -1.04 -5.22 5.26
N PHE A 2 -1.10 -4.49 4.15
CA PHE A 2 -1.01 -5.10 2.83
C PHE A 2 -0.03 -4.33 1.95
N LEU A 3 0.48 -5.01 0.92
CA LEU A 3 1.43 -4.39 -0.01
C LEU A 3 0.72 -3.43 -0.97
N ARG A 4 -0.43 -3.87 -1.47
CA ARG A 4 -1.21 -3.04 -2.40
C ARG A 4 -1.66 -1.76 -1.73
N ARG A 5 -1.80 -1.79 -0.41
CA ARG A 5 -2.23 -0.63 0.35
C ARG A 5 -1.13 0.43 0.40
N ILE A 6 0.02 0.04 0.94
CA ILE A 6 1.15 0.95 1.05
C ILE A 6 1.64 1.40 -0.33
N PHE A 7 1.18 0.70 -1.37
CA PHE A 7 1.56 1.03 -2.73
C PHE A 7 0.70 2.15 -3.29
N PHE A 8 -0.62 1.95 -3.27
CA PHE A 8 -1.55 2.95 -3.77
C PHE A 8 -1.66 4.13 -2.81
N PHE A 9 -1.12 3.96 -1.61
CA PHE A 9 -1.15 5.01 -0.60
C PHE A 9 -0.58 6.32 -1.16
N PHE A 10 0.58 6.22 -1.80
CA PHE A 10 1.23 7.39 -2.39
C PHE A 10 2.49 6.99 -3.14
N ARG A 1 1.21 -2.89 6.67
CA ARG A 1 1.24 -4.34 6.63
C ARG A 1 0.92 -4.84 5.21
N PHE A 2 -0.08 -4.22 4.59
CA PHE A 2 -0.49 -4.61 3.25
C PHE A 2 0.35 -3.87 2.19
N LEU A 3 0.83 -4.62 1.21
CA LEU A 3 1.64 -4.04 0.14
C LEU A 3 0.78 -3.21 -0.80
N ARG A 4 -0.45 -3.68 -1.06
CA ARG A 4 -1.37 -2.98 -1.95
C ARG A 4 -1.82 -1.66 -1.33
N ARG A 5 -1.84 -1.62 0.00
CA ARG A 5 -2.26 -0.41 0.70
C ARG A 5 -1.23 0.71 0.53
N ILE A 6 0.01 0.44 0.95
CA ILE A 6 1.08 1.43 0.84
C ILE A 6 1.36 1.77 -0.61
N PHE A 7 0.82 0.96 -1.52
CA PHE A 7 1.01 1.18 -2.96
C PHE A 7 0.03 2.22 -3.48
N PHE A 8 -1.26 1.97 -3.26
CA PHE A 8 -2.30 2.89 -3.71
C PHE A 8 -2.35 4.14 -2.83
N PHE A 9 -1.68 4.08 -1.69
CA PHE A 9 -1.64 5.20 -0.75
C PHE A 9 -1.22 6.48 -1.47
N PHE A 10 -0.13 6.39 -2.23
CA PHE A 10 0.39 7.54 -2.96
C PHE A 10 1.57 7.15 -3.84
N ARG A 1 -1.69 -8.26 7.06
CA ARG A 1 -1.12 -7.04 6.50
C ARG A 1 -1.57 -6.84 5.06
N PHE A 2 -1.36 -5.64 4.53
CA PHE A 2 -1.75 -5.31 3.16
C PHE A 2 -0.76 -4.34 2.54
N LEU A 3 0.01 -4.82 1.57
CA LEU A 3 0.99 -3.99 0.89
C LEU A 3 0.33 -3.12 -0.17
N ARG A 4 -0.77 -3.61 -0.74
CA ARG A 4 -1.50 -2.87 -1.76
C ARG A 4 -1.88 -1.48 -1.26
N ARG A 5 -2.03 -1.35 0.06
CA ARG A 5 -2.39 -0.08 0.66
C ARG A 5 -1.25 0.92 0.55
N ILE A 6 -0.10 0.57 1.12
CA ILE A 6 1.08 1.42 1.10
C ILE A 6 1.55 1.66 -0.34
N PHE A 7 1.04 0.85 -1.27
CA PHE A 7 1.41 0.97 -2.68
C PHE A 7 0.57 2.05 -3.36
N PHE A 8 -0.74 1.91 -3.28
CA PHE A 8 -1.65 2.87 -3.90
C PHE A 8 -1.68 4.18 -3.12
N PHE A 9 -1.13 4.15 -1.91
CA PHE A 9 -1.09 5.33 -1.06
C PHE A 9 -0.48 6.52 -1.80
N PHE A 10 0.66 6.28 -2.44
CA PHE A 10 1.34 7.33 -3.18
C PHE A 10 2.57 6.78 -3.90
N ARG A 1 -3.31 -5.29 1.79
CA ARG A 1 -2.76 -6.01 2.93
C ARG A 1 -1.57 -5.27 3.53
N PHE A 2 -1.85 -4.12 4.15
CA PHE A 2 -0.81 -3.32 4.76
C PHE A 2 0.08 -2.69 3.71
N LEU A 3 0.97 -3.50 3.12
CA LEU A 3 1.88 -3.02 2.10
C LEU A 3 1.12 -2.49 0.89
N ARG A 4 0.03 -3.16 0.54
CA ARG A 4 -0.79 -2.77 -0.60
C ARG A 4 -1.36 -1.37 -0.38
N ARG A 5 -1.73 -1.06 0.86
CA ARG A 5 -2.29 0.24 1.19
C ARG A 5 -1.30 1.36 0.88
N ILE A 6 -0.12 1.29 1.50
CA ILE A 6 0.91 2.29 1.28
C ILE A 6 1.38 2.30 -0.17
N PHE A 7 1.01 1.26 -0.91
CA PHE A 7 1.39 1.15 -2.31
C PHE A 7 0.41 1.91 -3.21
N PHE A 8 -0.88 1.57 -3.08
CA PHE A 8 -1.91 2.21 -3.88
C PHE A 8 -2.17 3.64 -3.40
N PHE A 9 -1.63 3.96 -2.22
CA PHE A 9 -1.80 5.28 -1.65
C PHE A 9 -1.38 6.36 -2.64
N PHE A 10 -0.21 6.19 -3.24
CA PHE A 10 0.31 7.14 -4.21
C PHE A 10 1.61 6.64 -4.81
N ARG A 1 -1.33 -8.64 5.35
CA ARG A 1 -0.73 -7.32 5.48
C ARG A 1 -1.53 -6.29 4.68
N PHE A 2 -1.11 -5.02 4.76
CA PHE A 2 -1.78 -3.95 4.06
C PHE A 2 -0.77 -3.14 3.22
N LEU A 3 0.12 -3.86 2.54
CA LEU A 3 1.12 -3.22 1.70
C LEU A 3 0.48 -2.55 0.49
N ARG A 4 -0.68 -3.06 0.09
CA ARG A 4 -1.39 -2.50 -1.05
C ARG A 4 -1.71 -1.02 -0.84
N ARG A 5 -1.92 -0.65 0.42
CA ARG A 5 -2.22 0.74 0.76
C ARG A 5 -1.04 1.66 0.44
N ILE A 6 0.11 1.38 1.05
CA ILE A 6 1.30 2.17 0.83
C ILE A 6 1.74 2.10 -0.63
N PHE A 7 1.17 1.18 -1.38
CA PHE A 7 1.50 1.01 -2.79
C PHE A 7 0.61 1.90 -3.66
N PHE A 8 -0.69 1.75 -3.52
CA PHE A 8 -1.64 2.54 -4.29
C PHE A 8 -1.55 4.02 -3.92
N PHE A 9 -1.45 4.29 -2.62
CA PHE A 9 -1.36 5.67 -2.13
C PHE A 9 -0.08 6.32 -2.61
N PHE A 10 0.94 5.50 -2.87
CA PHE A 10 2.24 6.01 -3.33
C PHE A 10 2.73 5.21 -4.54
N ARG A 1 -0.65 -2.72 7.61
CA ARG A 1 0.63 -2.70 6.91
C ARG A 1 0.52 -3.40 5.56
N PHE A 2 -0.65 -3.31 4.93
CA PHE A 2 -0.88 -3.94 3.64
C PHE A 2 0.11 -3.42 2.60
N LEU A 3 0.57 -4.32 1.74
CA LEU A 3 1.52 -3.95 0.69
C LEU A 3 0.86 -3.06 -0.35
N ARG A 4 -0.36 -3.41 -0.74
CA ARG A 4 -1.10 -2.64 -1.74
C ARG A 4 -1.36 -1.22 -1.24
N ARG A 5 -1.49 -1.08 0.08
CA ARG A 5 -1.73 0.22 0.69
C ARG A 5 -0.55 1.16 0.48
N ILE A 6 0.61 0.75 0.96
CA ILE A 6 1.82 1.56 0.82
C ILE A 6 2.18 1.76 -0.65
N PHE A 7 1.54 0.99 -1.52
CA PHE A 7 1.80 1.09 -2.95
C PHE A 7 0.90 2.15 -3.59
N PHE A 8 -0.41 1.99 -3.41
CA PHE A 8 -1.38 2.92 -3.98
C PHE A 8 -1.22 4.31 -3.34
N PHE A 9 -1.03 4.33 -2.03
CA PHE A 9 -0.88 5.58 -1.30
C PHE A 9 0.40 6.29 -1.71
N PHE A 10 1.38 5.52 -2.18
CA PHE A 10 2.66 6.08 -2.60
C PHE A 10 3.07 5.50 -3.96
N ARG A 1 -1.27 -6.48 2.22
CA ARG A 1 -1.83 -6.11 3.52
C ARG A 1 -1.34 -4.73 3.95
N PHE A 2 -0.04 -4.63 4.23
CA PHE A 2 0.56 -3.37 4.65
C PHE A 2 1.35 -2.74 3.50
N LEU A 3 2.11 -3.55 2.80
CA LEU A 3 2.92 -3.08 1.68
C LEU A 3 2.03 -2.60 0.53
N ARG A 4 0.95 -3.32 0.29
CA ARG A 4 0.01 -2.97 -0.78
C ARG A 4 -0.65 -1.62 -0.49
N ARG A 5 -0.79 -1.30 0.79
CA ARG A 5 -1.41 -0.03 1.19
C ARG A 5 -0.53 1.16 0.79
N ILE A 6 0.69 1.17 1.28
CA ILE A 6 1.63 2.24 0.98
C ILE A 6 1.93 2.30 -0.51
N PHE A 7 1.55 1.25 -1.23
CA PHE A 7 1.78 1.19 -2.67
C PHE A 7 0.64 1.82 -3.44
N PHE A 8 -0.58 1.34 -3.19
CA PHE A 8 -1.76 1.87 -3.85
C PHE A 8 -2.01 3.32 -3.46
N PHE A 9 -1.88 3.60 -2.16
CA PHE A 9 -2.08 4.95 -1.65
C PHE A 9 -1.06 5.92 -2.21
N PHE A 10 0.10 5.39 -2.59
CA PHE A 10 1.18 6.20 -3.14
C PHE A 10 1.74 5.56 -4.41
N ARG A 1 -1.58 -8.54 2.33
CA ARG A 1 -2.16 -7.33 2.88
C ARG A 1 -1.13 -6.57 3.72
N PHE A 2 -0.24 -5.85 3.05
CA PHE A 2 0.80 -5.09 3.74
C PHE A 2 1.48 -4.10 2.79
N LEU A 3 2.11 -4.64 1.75
CA LEU A 3 2.79 -3.81 0.77
C LEU A 3 1.80 -3.15 -0.18
N ARG A 4 0.75 -3.88 -0.54
CA ARG A 4 -0.28 -3.37 -1.44
C ARG A 4 -0.84 -2.06 -0.91
N ARG A 5 -0.88 -1.91 0.41
CA ARG A 5 -1.39 -0.70 1.04
C ARG A 5 -0.48 0.49 0.77
N ILE A 6 0.78 0.36 1.19
CA ILE A 6 1.76 1.42 1.00
C ILE A 6 2.00 1.69 -0.48
N PHE A 7 1.53 0.78 -1.33
CA PHE A 7 1.70 0.91 -2.76
C PHE A 7 0.62 1.81 -3.36
N PHE A 8 -0.64 1.48 -3.11
CA PHE A 8 -1.76 2.26 -3.61
C PHE A 8 -1.91 3.56 -2.82
N PHE A 9 -1.23 3.64 -1.68
CA PHE A 9 -1.29 4.81 -0.83
C PHE A 9 -0.98 6.08 -1.63
N PHE A 10 0.10 6.04 -2.39
CA PHE A 10 0.51 7.18 -3.20
C PHE A 10 0.47 6.83 -4.69
N ARG A 1 -0.66 -6.15 7.24
CA ARG A 1 -0.84 -5.01 6.34
C ARG A 1 -0.51 -5.41 4.90
N PHE A 2 -1.53 -5.48 4.07
CA PHE A 2 -1.35 -5.84 2.66
C PHE A 2 -0.32 -4.93 2.00
N LEU A 3 0.32 -5.45 0.96
CA LEU A 3 1.33 -4.69 0.23
C LEU A 3 0.68 -3.67 -0.71
N ARG A 4 -0.54 -3.98 -1.15
CA ARG A 4 -1.27 -3.10 -2.05
C ARG A 4 -1.60 -1.78 -1.36
N ARG A 5 -1.78 -1.83 -0.05
CA ARG A 5 -2.09 -0.63 0.73
C ARG A 5 -0.94 0.36 0.70
N ILE A 6 0.23 -0.09 1.17
CA ILE A 6 1.41 0.75 1.20
C ILE A 6 1.84 1.15 -0.20
N PHE A 7 1.28 0.48 -1.20
CA PHE A 7 1.60 0.76 -2.59
C PHE A 7 0.72 1.90 -3.14
N PHE A 8 -0.59 1.72 -3.03
CA PHE A 8 -1.53 2.72 -3.51
C PHE A 8 -1.53 3.94 -2.61
N PHE A 9 -0.92 3.81 -1.44
CA PHE A 9 -0.85 4.90 -0.48
C PHE A 9 -0.29 6.17 -1.13
N PHE A 10 0.82 6.02 -1.84
CA PHE A 10 1.46 7.14 -2.52
C PHE A 10 1.46 6.94 -4.03
N ARG A 1 1.03 -7.10 6.78
CA ARG A 1 0.17 -7.51 5.66
C ARG A 1 -0.62 -6.32 5.13
N PHE A 2 0.07 -5.19 4.93
CA PHE A 2 -0.57 -3.99 4.43
C PHE A 2 0.35 -3.24 3.47
N LEU A 3 1.16 -3.99 2.74
CA LEU A 3 2.09 -3.41 1.78
C LEU A 3 1.38 -2.98 0.50
N ARG A 4 0.35 -3.73 0.13
CA ARG A 4 -0.42 -3.43 -1.07
C ARG A 4 -1.15 -2.10 -0.93
N ARG A 5 -1.24 -1.62 0.31
CA ARG A 5 -1.92 -0.34 0.58
C ARG A 5 -0.94 0.83 0.46
N ILE A 6 0.17 0.73 1.18
CA ILE A 6 1.18 1.78 1.15
C ILE A 6 1.79 1.93 -0.24
N PHE A 7 1.55 0.94 -1.09
CA PHE A 7 2.07 0.95 -2.45
C PHE A 7 1.10 1.66 -3.40
N PHE A 8 -0.19 1.45 -3.18
CA PHE A 8 -1.21 2.06 -4.02
C PHE A 8 -1.61 3.42 -3.48
N PHE A 9 -1.18 3.71 -2.26
CA PHE A 9 -1.49 4.99 -1.62
C PHE A 9 -1.12 6.16 -2.53
N PHE A 10 0.11 6.13 -3.06
CA PHE A 10 0.58 7.17 -3.94
C PHE A 10 1.98 6.85 -4.48
N ARG A 1 0.53 -7.30 6.02
CA ARG A 1 -0.32 -7.70 4.90
C ARG A 1 -1.08 -6.50 4.35
N PHE A 2 -0.37 -5.43 4.05
CA PHE A 2 -0.97 -4.23 3.51
C PHE A 2 0.00 -3.48 2.60
N LEU A 3 0.92 -4.23 1.99
CA LEU A 3 1.91 -3.64 1.10
C LEU A 3 1.24 -3.04 -0.14
N ARG A 4 0.20 -3.71 -0.63
CA ARG A 4 -0.53 -3.25 -1.80
C ARG A 4 -1.20 -1.90 -1.52
N ARG A 5 -1.31 -1.56 -0.24
CA ARG A 5 -1.93 -0.30 0.15
C ARG A 5 -0.91 0.83 0.19
N ILE A 6 0.17 0.62 0.91
CA ILE A 6 1.22 1.62 1.02
C ILE A 6 1.87 1.89 -0.32
N PHE A 7 1.62 1.01 -1.29
CA PHE A 7 2.17 1.16 -2.62
C PHE A 7 1.27 2.00 -3.51
N PHE A 8 -0.05 1.81 -3.35
CA PHE A 8 -1.03 2.57 -4.13
C PHE A 8 -1.37 3.89 -3.45
N PHE A 9 -0.97 4.01 -2.19
CA PHE A 9 -1.24 5.23 -1.42
C PHE A 9 -0.79 6.47 -2.18
N PHE A 10 0.43 6.43 -2.69
CA PHE A 10 0.98 7.57 -3.45
C PHE A 10 2.37 7.23 -3.98
N ARG A 1 2.08 -3.42 7.02
CA ARG A 1 1.43 -4.61 6.50
C ARG A 1 0.79 -4.32 5.15
N PHE A 2 0.53 -5.37 4.37
CA PHE A 2 -0.08 -5.23 3.06
C PHE A 2 0.79 -4.36 2.14
N LEU A 3 1.58 -5.02 1.31
CA LEU A 3 2.47 -4.30 0.38
C LEU A 3 1.65 -3.59 -0.70
N ARG A 4 0.58 -4.23 -1.16
CA ARG A 4 -0.28 -3.66 -2.18
C ARG A 4 -0.95 -2.38 -1.67
N ARG A 5 -0.93 -2.19 -0.36
CA ARG A 5 -1.54 -1.02 0.24
C ARG A 5 -0.55 0.14 0.31
N ILE A 6 0.62 -0.12 0.89
CA ILE A 6 1.66 0.90 1.02
C ILE A 6 2.16 1.35 -0.35
N PHE A 7 1.81 0.58 -1.38
CA PHE A 7 2.22 0.91 -2.75
C PHE A 7 1.20 1.81 -3.42
N PHE A 8 -0.07 1.56 -3.15
CA PHE A 8 -1.14 2.37 -3.74
C PHE A 8 -1.45 3.58 -2.86
N PHE A 9 -0.92 3.58 -1.64
CA PHE A 9 -1.14 4.68 -0.71
C PHE A 9 -0.81 6.02 -1.36
N PHE A 10 0.36 6.09 -1.98
CA PHE A 10 0.79 7.31 -2.64
C PHE A 10 2.13 7.10 -3.35
N ARG A 1 -2.33 -3.83 7.51
CA ARG A 1 -1.01 -4.43 7.34
C ARG A 1 -0.82 -4.96 5.92
N PHE A 2 -1.35 -4.21 4.95
CA PHE A 2 -1.26 -4.60 3.55
C PHE A 2 -0.28 -3.69 2.80
N LEU A 3 0.69 -4.30 2.13
CA LEU A 3 1.68 -3.55 1.37
C LEU A 3 1.06 -2.92 0.14
N ARG A 4 -0.02 -3.52 -0.35
CA ARG A 4 -0.72 -3.01 -1.53
C ARG A 4 -1.31 -1.63 -1.26
N ARG A 5 -1.40 -1.28 0.02
CA ARG A 5 -1.95 0.01 0.41
C ARG A 5 -0.87 1.09 0.45
N ILE A 6 0.21 0.81 1.18
CA ILE A 6 1.31 1.75 1.29
C ILE A 6 1.98 1.97 -0.05
N PHE A 7 1.68 1.11 -1.01
CA PHE A 7 2.24 1.22 -2.35
C PHE A 7 1.38 2.12 -3.24
N PHE A 8 0.08 2.01 -3.08
CA PHE A 8 -0.86 2.81 -3.87
C PHE A 8 -1.13 4.15 -3.19
N PHE A 9 -0.72 4.26 -1.93
CA PHE A 9 -0.92 5.49 -1.17
C PHE A 9 -0.41 6.70 -1.94
N PHE A 10 0.83 6.59 -2.43
CA PHE A 10 1.44 7.69 -3.19
C PHE A 10 2.81 7.27 -3.72
N ARG A 1 0.69 -6.53 8.12
CA ARG A 1 0.60 -6.98 6.74
C ARG A 1 -0.36 -6.09 5.94
N PHE A 2 0.03 -4.83 5.77
CA PHE A 2 -0.78 -3.88 5.02
C PHE A 2 0.06 -3.13 3.99
N LEU A 3 1.05 -3.83 3.44
CA LEU A 3 1.92 -3.24 2.44
C LEU A 3 1.15 -2.85 1.18
N ARG A 4 0.03 -3.54 0.96
CA ARG A 4 -0.81 -3.28 -0.20
C ARG A 4 -1.39 -1.87 -0.15
N ARG A 5 -1.33 -1.25 1.03
CA ARG A 5 -1.86 0.09 1.22
C ARG A 5 -0.79 1.14 0.89
N ILE A 6 0.37 1.00 1.54
CA ILE A 6 1.47 1.94 1.32
C ILE A 6 1.97 1.88 -0.12
N PHE A 7 1.55 0.83 -0.84
CA PHE A 7 1.96 0.66 -2.23
C PHE A 7 0.99 1.36 -3.17
N PHE A 8 -0.29 1.32 -2.83
CA PHE A 8 -1.33 1.94 -3.65
C PHE A 8 -1.52 3.40 -3.23
N PHE A 9 -0.97 3.77 -2.09
CA PHE A 9 -1.09 5.12 -1.57
C PHE A 9 -0.69 6.14 -2.63
N PHE A 10 0.48 5.92 -3.25
CA PHE A 10 0.98 6.82 -4.27
C PHE A 10 2.28 6.29 -4.88
N ARG A 1 -1.51 -3.08 7.20
CA ARG A 1 -0.19 -3.05 6.60
C ARG A 1 -0.07 -4.10 5.50
N PHE A 2 -0.73 -3.86 4.38
CA PHE A 2 -0.70 -4.78 3.25
C PHE A 2 0.24 -4.28 2.16
N LEU A 3 0.70 -5.20 1.32
CA LEU A 3 1.61 -4.85 0.23
C LEU A 3 0.92 -3.97 -0.80
N ARG A 4 -0.22 -4.44 -1.30
CA ARG A 4 -0.98 -3.70 -2.29
C ARG A 4 -1.50 -2.39 -1.72
N ARG A 5 -1.47 -2.28 -0.39
CA ARG A 5 -1.93 -1.08 0.29
C ARG A 5 -0.81 -0.06 0.43
N ILE A 6 0.31 -0.50 1.00
CA ILE A 6 1.46 0.37 1.20
C ILE A 6 2.04 0.84 -0.13
N PHE A 7 1.61 0.18 -1.22
CA PHE A 7 2.08 0.52 -2.55
C PHE A 7 1.19 1.60 -3.18
N PHE A 8 -0.11 1.51 -2.93
CA PHE A 8 -1.07 2.46 -3.47
C PHE A 8 -1.23 3.66 -2.52
N PHE A 9 -0.72 3.51 -1.31
CA PHE A 9 -0.80 4.57 -0.31
C PHE A 9 -0.29 5.90 -0.88
N PHE A 10 0.88 5.86 -1.49
CA PHE A 10 1.48 7.05 -2.08
C PHE A 10 2.78 6.71 -2.80
N ARG A 1 1.45 -3.83 6.87
CA ARG A 1 0.55 -4.98 6.86
C ARG A 1 0.38 -5.53 5.45
N PHE A 2 0.30 -4.63 4.47
CA PHE A 2 0.14 -5.04 3.07
C PHE A 2 1.00 -4.16 2.16
N LEU A 3 1.68 -4.80 1.21
CA LEU A 3 2.52 -4.08 0.26
C LEU A 3 1.68 -3.38 -0.80
N ARG A 4 0.60 -4.03 -1.21
CA ARG A 4 -0.28 -3.46 -2.23
C ARG A 4 -0.95 -2.19 -1.72
N ARG A 5 -0.90 -1.98 -0.41
CA ARG A 5 -1.50 -0.80 0.21
C ARG A 5 -0.50 0.36 0.22
N ILE A 6 0.68 0.11 0.78
CA ILE A 6 1.70 1.14 0.87
C ILE A 6 2.17 1.57 -0.52
N PHE A 7 1.80 0.79 -1.53
CA PHE A 7 2.17 1.10 -2.91
C PHE A 7 1.14 2.00 -3.57
N PHE A 8 -0.14 1.75 -3.26
CA PHE A 8 -1.23 2.54 -3.82
C PHE A 8 -1.51 3.76 -2.96
N PHE A 9 -0.95 3.78 -1.76
CA PHE A 9 -1.14 4.89 -0.84
C PHE A 9 -0.83 6.23 -1.52
N PHE A 10 0.32 6.29 -2.18
CA PHE A 10 0.74 7.50 -2.86
C PHE A 10 2.05 7.28 -3.61
N ARG A 1 -2.84 -4.00 6.26
CA ARG A 1 -1.38 -3.96 6.33
C ARG A 1 -0.77 -4.72 5.16
N PHE A 2 -1.48 -4.76 4.04
CA PHE A 2 -1.00 -5.46 2.85
C PHE A 2 -0.11 -4.55 2.01
N LEU A 3 0.68 -5.16 1.13
CA LEU A 3 1.59 -4.40 0.27
C LEU A 3 0.81 -3.55 -0.72
N ARG A 4 -0.38 -4.02 -1.10
CA ARG A 4 -1.22 -3.29 -2.04
C ARG A 4 -1.67 -1.96 -1.46
N ARG A 5 -1.52 -1.81 -0.15
CA ARG A 5 -1.90 -0.58 0.53
C ARG A 5 -0.74 0.43 0.53
N ILE A 6 0.41 -0.01 1.01
CA ILE A 6 1.59 0.85 1.08
C ILE A 6 2.03 1.26 -0.33
N PHE A 7 1.51 0.58 -1.34
CA PHE A 7 1.85 0.87 -2.72
C PHE A 7 0.93 1.94 -3.30
N PHE A 8 -0.35 1.88 -2.93
CA PHE A 8 -1.34 2.83 -3.41
C PHE A 8 -1.39 4.06 -2.50
N PHE A 9 -0.77 3.94 -1.33
CA PHE A 9 -0.76 5.03 -0.36
C PHE A 9 -0.29 6.32 -1.01
N PHE A 10 0.82 6.26 -1.73
CA PHE A 10 1.37 7.42 -2.40
C PHE A 10 2.61 7.04 -3.23
#